data_3M2J
#
_entry.id   3M2J
#
_cell.length_a   43.354
_cell.length_b   92.340
_cell.length_c   66.415
_cell.angle_alpha   90.00
_cell.angle_beta   104.84
_cell.angle_gamma   90.00
#
_symmetry.space_group_name_H-M   'P 1 21 1'
#
loop_
_entity.id
_entity.type
_entity.pdbx_description
1 polymer Beta-lactamase
2 non-polymer 'SULFATE ION'
3 non-polymer '5-(2,5-dioxo-2,5-dihydro-1H-pyrrol-1-yl)-2-(6-hydroxy-3-oxo-3H-xanthen-9-yl)benzoic acid'
4 water water
#
_entity_poly.entity_id   1
_entity_poly.type   'polypeptide(L)'
_entity_poly.pdbx_seq_one_letter_code
;KDDFAKLEEQFDAKLGIFALDTGTNRTVAYRPDERFAFASTIKALTVGVLLQQKSIEDLNQRITYTRDDLVNYNPITEKH
VDTGMTLKELADASLRYSDNAAQNLILKQIGGPESLKKELRKIGDEVTNPERFCPELNEVNPGETQDTSTARALVTSLRA
FALEDKLPSEKRELLIDWMKRNTTGDALIRAGVPDGWEVADKTGAASYGTRNDIAIIWPPKGDPVVLAVLSSRDKKDAKY
DDKLIAEATKVVMKALN
;
_entity_poly.pdbx_strand_id   A,B
#
loop_
_chem_comp.id
_chem_comp.type
_chem_comp.name
_chem_comp.formula
F5M non-polymer '5-(2,5-dioxo-2,5-dihydro-1H-pyrrol-1-yl)-2-(6-hydroxy-3-oxo-3H-xanthen-9-yl)benzoic acid' 'C24 H13 N O7'
SO4 non-polymer 'SULFATE ION' 'O4 S -2'
#
# COMPACT_ATOMS: atom_id res chain seq x y z
N ASP A 2 29.67 -7.41 8.03
CA ASP A 2 29.84 -8.86 8.43
C ASP A 2 28.56 -9.74 8.44
N ASP A 3 27.48 -9.24 9.05
CA ASP A 3 26.18 -9.74 8.68
C ASP A 3 25.94 -9.42 7.20
N PHE A 4 26.48 -8.29 6.72
CA PHE A 4 26.31 -7.93 5.29
C PHE A 4 27.09 -8.87 4.39
N ALA A 5 28.35 -9.21 4.77
CA ALA A 5 29.16 -10.25 4.16
C ALA A 5 28.45 -11.59 4.04
N LYS A 6 27.84 -11.99 5.15
CA LYS A 6 27.09 -13.22 5.24
C LYS A 6 25.88 -13.22 4.27
N LEU A 7 25.20 -12.07 4.13
CA LEU A 7 24.04 -11.93 3.21
C LEU A 7 24.51 -12.01 1.78
N GLU A 8 25.66 -11.39 1.47
CA GLU A 8 26.26 -11.56 0.12
C GLU A 8 26.53 -13.02 -0.27
N GLU A 9 27.03 -13.76 0.70
CA GLU A 9 27.32 -15.22 0.64
C GLU A 9 26.02 -16.00 0.42
N GLN A 10 25.00 -15.75 1.25
CA GLN A 10 23.67 -16.42 1.12
C GLN A 10 22.93 -16.20 -0.20
N PHE A 11 23.00 -14.98 -0.71
CA PHE A 11 22.23 -14.64 -1.92
C PHE A 11 23.10 -14.51 -3.13
N ASP A 12 24.36 -14.92 -3.02
CA ASP A 12 25.32 -14.83 -4.15
C ASP A 12 25.21 -13.47 -4.91
N ALA A 13 25.42 -12.38 -4.17
CA ALA A 13 25.12 -11.04 -4.65
C ALA A 13 26.11 -10.07 -4.10
N LYS A 14 26.12 -8.85 -4.63
CA LYS A 14 26.94 -7.78 -4.09
C LYS A 14 25.95 -6.76 -3.53
N LEU A 15 26.23 -6.31 -2.31
CA LEU A 15 25.35 -5.38 -1.63
C LEU A 15 26.03 -4.00 -1.56
N GLY A 16 25.24 -2.92 -1.69
CA GLY A 16 25.71 -1.53 -1.44
C GLY A 16 24.74 -0.87 -0.47
N ILE A 17 25.26 -0.45 0.69
CA ILE A 17 24.45 0.01 1.85
C ILE A 17 25.04 1.31 2.37
N PHE A 18 24.19 2.32 2.42
CA PHE A 18 24.45 3.54 3.16
C PHE A 18 23.19 3.97 3.91
N ALA A 19 23.34 4.16 5.20
CA ALA A 19 22.22 4.67 5.99
C ALA A 19 22.72 5.81 6.88
N LEU A 20 21.88 6.81 7.06
CA LEU A 20 22.20 7.94 7.91
C LEU A 20 21.08 8.23 8.89
N ASP A 21 21.40 8.22 10.18
CA ASP A 21 20.47 8.72 11.16
C ASP A 21 20.57 10.24 11.21
N THR A 22 19.47 10.91 10.88
CA THR A 22 19.50 12.34 10.79
C THR A 22 19.45 12.98 12.19
N GLY A 23 19.06 12.22 13.20
CA GLY A 23 19.09 12.70 14.59
C GLY A 23 20.47 12.73 15.24
N THR A 24 21.31 11.75 14.91
CA THR A 24 22.60 11.59 15.57
C THR A 24 23.78 11.73 14.61
N ASN A 25 23.50 11.76 13.31
CA ASN A 25 24.53 11.65 12.28
C ASN A 25 25.34 10.35 12.25
N ARG A 26 24.92 9.38 13.06
CA ARG A 26 25.39 7.99 12.91
C ARG A 26 25.03 7.37 11.58
N THR A 27 25.95 6.53 11.13
CA THR A 27 26.04 6.03 9.78
C THR A 27 26.23 4.49 9.76
N VAL A 28 25.84 3.66 8.71
CA VAL A 28 26.12 2.23 8.49
C VAL A 28 26.23 2.08 6.98
N ALA A 29 27.46 1.78 6.94
CA ALA A 29 27.99 1.74 5.57
C ALA A 29 28.51 0.34 5.25
N TYR A 30 28.28 -0.20 3.89
CA TYR A 30 28.83 -1.43 3.38
C TYR A 30 28.93 -1.25 1.86
N ARG A 31 30.16 -1.19 1.35
CA ARG A 31 30.40 -0.74 -0.03
C ARG A 31 29.59 0.57 -0.37
N PRO A 32 29.70 1.62 0.48
CA PRO A 32 28.75 2.73 0.31
C PRO A 32 29.01 3.52 -1.01
N ASP A 33 30.19 3.31 -1.62
CA ASP A 33 30.62 4.10 -2.76
C ASP A 33 30.78 3.26 -4.02
N GLU A 34 30.27 2.04 -3.97
CA GLU A 34 30.21 1.17 -5.15
C GLU A 34 29.03 1.53 -6.03
N ARG A 35 29.27 1.57 -7.35
CA ARG A 35 28.24 1.87 -8.35
C ARG A 35 27.36 0.67 -8.69
N PHE A 36 26.07 0.95 -8.88
CA PHE A 36 25.00 0.01 -9.23
C PHE A 36 24.12 0.76 -10.23
N ALA A 37 23.48 0.08 -11.20
CA ALA A 37 22.37 0.70 -11.95
C ALA A 37 21.33 1.18 -10.92
N PHE A 38 20.96 2.46 -10.99
CA PHE A 38 20.00 3.04 -10.01
C PHE A 38 18.60 2.50 -10.33
N ALA A 39 18.40 2.07 -11.56
CA ALA A 39 17.09 1.66 -12.03
C ALA A 39 15.99 2.64 -11.60
N SER A 40 14.82 2.13 -11.17
CA SER A 40 13.65 2.99 -11.02
C SER A 40 13.73 3.91 -9.86
N THR A 41 14.73 3.72 -9.00
CA THR A 41 14.98 4.59 -7.80
C THR A 41 15.09 6.04 -8.30
N ILE A 42 15.50 6.22 -9.57
CA ILE A 42 15.69 7.54 -10.19
C ILE A 42 14.36 8.29 -10.37
N LYS A 43 13.22 7.56 -10.39
CA LYS A 43 11.90 8.16 -10.37
C LYS A 43 11.72 9.09 -9.14
N ALA A 44 12.31 8.73 -8.00
CA ALA A 44 12.14 9.58 -6.82
C ALA A 44 12.85 10.94 -7.01
N LEU A 45 14.06 10.90 -7.56
CA LEU A 45 14.85 12.12 -7.82
C LEU A 45 14.23 12.94 -8.98
N THR A 46 13.57 12.25 -9.92
CA THR A 46 12.93 12.89 -11.07
C THR A 46 11.73 13.70 -10.60
N VAL A 47 10.96 13.12 -9.65
CA VAL A 47 9.81 13.87 -9.15
C VAL A 47 10.31 15.05 -8.33
N GLY A 48 11.40 14.82 -7.56
CA GLY A 48 12.06 15.91 -6.81
C GLY A 48 12.29 17.15 -7.65
N VAL A 49 12.88 16.92 -8.83
CA VAL A 49 13.20 17.97 -9.79
C VAL A 49 11.94 18.58 -10.43
N LEU A 50 10.97 17.73 -10.82
CA LEU A 50 9.66 18.22 -11.32
C LEU A 50 9.03 19.18 -10.30
N LEU A 51 9.02 18.80 -9.02
CA LEU A 51 8.39 19.59 -7.99
C LEU A 51 9.10 20.93 -7.81
N GLN A 52 10.44 20.90 -7.90
CA GLN A 52 11.25 22.13 -7.84
C GLN A 52 10.91 23.15 -8.96
N GLN A 53 10.57 22.64 -10.14
CA GLN A 53 10.45 23.35 -11.41
C GLN A 53 8.99 23.71 -11.69
N LYS A 54 8.09 23.52 -10.74
CA LYS A 54 6.69 23.79 -10.92
C LYS A 54 6.16 24.19 -9.61
N SER A 55 5.00 25.12 -9.57
CA SER A 55 4.14 25.39 -8.47
C SER A 55 3.25 24.16 -8.25
N ILE A 56 2.72 24.02 -7.03
CA ILE A 56 1.75 22.95 -6.82
C ILE A 56 0.57 23.01 -7.78
N GLU A 57 0.06 24.22 -8.04
CA GLU A 57 -0.98 24.43 -9.06
C GLU A 57 -0.58 23.97 -10.47
N ASP A 58 0.66 24.21 -10.89
CA ASP A 58 1.21 23.83 -12.24
C ASP A 58 1.18 22.30 -12.53
N LEU A 59 1.19 21.53 -11.45
CA LEU A 59 1.03 20.07 -11.51
C LEU A 59 -0.34 19.64 -12.06
N ASN A 60 -1.31 20.55 -12.00
CA ASN A 60 -2.63 20.28 -12.60
C ASN A 60 -2.70 20.32 -14.11
N GLN A 61 -1.62 20.73 -14.77
CA GLN A 61 -1.54 20.73 -16.26
C GLN A 61 -1.73 19.32 -16.82
N ARG A 62 -2.71 19.17 -17.72
CA ARG A 62 -3.01 17.89 -18.31
C ARG A 62 -2.05 17.55 -19.45
N ILE A 63 -1.51 16.35 -19.43
CA ILE A 63 -0.60 15.88 -20.46
C ILE A 63 -1.33 14.86 -21.31
N THR A 64 -1.37 15.09 -22.64
CA THR A 64 -1.96 14.08 -23.55
C THR A 64 -0.87 13.23 -24.19
N TYR A 65 -1.21 11.98 -24.51
CA TYR A 65 -0.25 11.00 -25.00
C TYR A 65 -1.02 9.92 -25.76
N THR A 66 -0.33 8.97 -26.40
CA THR A 66 -1.01 7.87 -27.09
C THR A 66 -0.31 6.56 -26.73
N ARG A 67 -0.71 5.44 -27.37
CA ARG A 67 -0.07 4.13 -27.13
C ARG A 67 1.37 4.13 -27.61
N ASP A 68 1.73 5.22 -28.29
CA ASP A 68 3.08 5.43 -28.81
C ASP A 68 4.02 6.01 -27.76
N ASP A 69 3.47 6.72 -26.77
CA ASP A 69 4.25 7.17 -25.61
C ASP A 69 4.32 6.13 -24.52
N LEU A 70 3.62 5.01 -24.72
CA LEU A 70 3.58 3.93 -23.78
C LEU A 70 4.79 3.02 -24.01
N VAL A 71 5.33 2.45 -22.95
CA VAL A 71 6.56 1.68 -23.11
C VAL A 71 6.34 0.19 -22.72
N ASN A 72 7.27 -0.39 -21.97
CA ASN A 72 7.15 -1.79 -21.56
C ASN A 72 6.20 -2.04 -20.36
N TYR A 73 6.03 -1.04 -19.51
CA TYR A 73 5.32 -1.26 -18.25
C TYR A 73 4.53 0.00 -17.88
N ASN A 74 3.21 -0.03 -18.12
CA ASN A 74 2.37 1.16 -18.08
C ASN A 74 1.11 0.98 -17.20
N PRO A 75 1.28 0.55 -15.93
CA PRO A 75 0.11 0.13 -15.15
C PRO A 75 -1.06 1.11 -15.05
N ILE A 76 -0.76 2.40 -14.88
CA ILE A 76 -1.82 3.41 -14.74
C ILE A 76 -2.03 4.12 -16.07
N THR A 77 -0.91 4.48 -16.66
CA THR A 77 -0.82 5.17 -17.93
C THR A 77 -1.58 4.46 -19.13
N GLU A 78 -1.60 3.13 -19.16
CA GLU A 78 -2.44 2.42 -20.15
C GLU A 78 -3.97 2.60 -19.97
N LYS A 79 -4.42 3.02 -18.77
CA LYS A 79 -5.86 3.22 -18.48
C LYS A 79 -6.41 4.57 -18.91
N HIS A 80 -5.53 5.50 -19.26
CA HIS A 80 -5.94 6.89 -19.43
C HIS A 80 -5.49 7.53 -20.73
N VAL A 81 -5.11 6.72 -21.73
CA VAL A 81 -4.67 7.32 -23.00
C VAL A 81 -5.78 8.14 -23.68
N ASP A 82 -7.06 7.83 -23.40
CA ASP A 82 -8.18 8.64 -23.97
C ASP A 82 -8.32 10.04 -23.42
N THR A 83 -7.98 10.23 -22.14
CA THR A 83 -8.19 11.50 -21.46
C THR A 83 -6.89 12.26 -21.09
N GLY A 84 -5.76 11.57 -21.13
CA GLY A 84 -4.51 12.08 -20.60
C GLY A 84 -4.52 12.01 -19.08
N MET A 85 -3.46 12.55 -18.48
CA MET A 85 -3.30 12.60 -17.03
C MET A 85 -2.63 13.89 -16.65
N THR A 86 -2.89 14.40 -15.45
CA THR A 86 -2.15 15.57 -15.01
C THR A 86 -0.74 15.15 -14.60
N LEU A 87 0.15 16.13 -14.52
CA LEU A 87 1.46 15.97 -13.96
C LEU A 87 1.41 15.38 -12.54
N LYS A 88 0.43 15.80 -11.74
CA LYS A 88 0.30 15.28 -10.37
C LYS A 88 -0.02 13.76 -10.37
N GLU A 89 -0.97 13.38 -11.24
CA GLU A 89 -1.36 11.99 -11.52
C GLU A 89 -0.20 11.18 -12.09
N LEU A 90 0.60 11.80 -12.96
CA LEU A 90 1.79 11.14 -13.50
C LEU A 90 2.87 10.92 -12.43
N ALA A 91 2.99 11.85 -11.44
CA ALA A 91 4.01 11.74 -10.36
C ALA A 91 3.59 10.63 -9.41
N ASP A 92 2.29 10.61 -9.11
CA ASP A 92 1.66 9.49 -8.41
C ASP A 92 1.94 8.11 -9.04
N ALA A 93 1.73 7.99 -10.37
CA ALA A 93 1.87 6.69 -11.01
C ALA A 93 3.33 6.25 -11.09
N SER A 94 4.21 7.23 -11.32
CA SER A 94 5.65 6.99 -11.41
C SER A 94 6.12 6.50 -10.07
N LEU A 95 5.81 7.23 -9.02
CA LEU A 95 6.34 6.84 -7.72
C LEU A 95 5.74 5.61 -7.12
N ARG A 96 4.43 5.47 -7.25
CA ARG A 96 3.74 4.48 -6.44
C ARG A 96 3.55 3.16 -7.12
N TYR A 97 3.54 3.15 -8.46
CA TYR A 97 3.37 1.96 -9.27
C TYR A 97 4.56 1.73 -10.19
N SER A 98 5.54 2.63 -10.17
CA SER A 98 6.77 2.50 -10.95
C SER A 98 6.38 2.43 -12.45
N ASP A 99 5.44 3.30 -12.82
CA ASP A 99 4.97 3.41 -14.21
C ASP A 99 6.06 4.04 -15.04
N ASN A 100 6.57 3.28 -16.03
CA ASN A 100 7.70 3.69 -16.87
C ASN A 100 7.31 4.78 -17.87
N ALA A 101 6.11 4.65 -18.41
CA ALA A 101 5.53 5.67 -19.26
C ALA A 101 5.37 6.98 -18.53
N ALA A 102 4.88 6.94 -17.28
CA ALA A 102 4.67 8.13 -16.52
C ALA A 102 6.00 8.83 -16.27
N GLN A 103 7.02 8.02 -15.93
CA GLN A 103 8.40 8.50 -15.74
C GLN A 103 8.92 9.19 -16.98
N ASN A 104 8.66 8.63 -18.16
CA ASN A 104 9.20 9.17 -19.42
C ASN A 104 8.61 10.52 -19.85
N LEU A 105 7.29 10.65 -19.71
CA LEU A 105 6.58 11.93 -19.82
C LEU A 105 7.00 13.02 -18.84
N ILE A 106 7.34 12.63 -17.61
CA ILE A 106 7.85 13.57 -16.62
C ILE A 106 9.26 13.98 -17.00
N LEU A 107 10.11 13.00 -17.31
CA LEU A 107 11.42 13.28 -17.94
C LEU A 107 11.33 14.27 -19.10
N LYS A 108 10.41 14.02 -20.04
CA LYS A 108 10.13 14.96 -21.15
C LYS A 108 9.81 16.38 -20.67
N GLN A 109 9.01 16.50 -19.60
CA GLN A 109 8.59 17.80 -19.12
C GLN A 109 9.70 18.61 -18.47
N ILE A 110 10.66 17.92 -17.84
CA ILE A 110 11.75 18.59 -17.18
C ILE A 110 12.91 18.77 -18.16
N GLY A 111 12.83 18.10 -19.29
CA GLY A 111 13.82 18.30 -20.34
C GLY A 111 14.73 17.13 -20.67
N GLY A 112 14.35 15.90 -20.35
CA GLY A 112 15.15 14.72 -20.70
C GLY A 112 16.33 14.50 -19.76
N PRO A 113 17.09 13.40 -19.96
CA PRO A 113 18.14 12.93 -19.03
C PRO A 113 19.26 13.93 -18.78
N GLU A 114 19.68 14.64 -19.83
CA GLU A 114 20.72 15.66 -19.70
C GLU A 114 20.31 16.78 -18.72
N SER A 115 19.11 17.31 -18.85
CA SER A 115 18.59 18.27 -17.91
C SER A 115 18.34 17.72 -16.46
N LEU A 116 17.88 16.46 -16.34
CA LEU A 116 17.85 15.82 -15.01
C LEU A 116 19.27 15.85 -14.38
N LYS A 117 20.29 15.38 -15.11
CA LYS A 117 21.68 15.39 -14.61
C LYS A 117 22.11 16.79 -14.14
N LYS A 118 21.83 17.80 -14.99
CA LYS A 118 22.16 19.19 -14.67
C LYS A 118 21.54 19.62 -13.37
N GLU A 119 20.26 19.29 -13.17
CA GLU A 119 19.58 19.64 -11.92
C GLU A 119 20.11 18.86 -10.72
N LEU A 120 20.46 17.60 -10.95
CA LEU A 120 21.14 16.83 -9.91
C LEU A 120 22.52 17.39 -9.51
N ARG A 121 23.36 17.74 -10.49
CA ARG A 121 24.62 18.45 -10.20
C ARG A 121 24.41 19.76 -9.42
N LYS A 122 23.39 20.53 -9.82
CA LYS A 122 23.06 21.75 -9.11
C LYS A 122 22.75 21.52 -7.64
N ILE A 123 22.15 20.40 -7.25
CA ILE A 123 21.85 20.23 -5.79
C ILE A 123 23.03 19.60 -5.02
N GLY A 124 24.11 19.32 -5.74
CA GLY A 124 25.32 18.79 -5.09
C GLY A 124 25.60 17.35 -5.45
N ASP A 125 24.84 16.80 -6.40
CA ASP A 125 25.08 15.38 -6.71
C ASP A 125 26.00 15.28 -7.91
N GLU A 126 27.24 14.92 -7.64
CA GLU A 126 28.24 14.74 -8.71
C GLU A 126 28.40 13.26 -9.11
N VAL A 127 27.59 12.39 -8.55
CA VAL A 127 27.76 10.94 -8.83
C VAL A 127 26.69 10.32 -9.69
N THR A 128 25.43 10.63 -9.40
CA THR A 128 24.32 10.05 -10.09
C THR A 128 24.42 10.52 -11.53
N ASN A 129 24.33 9.54 -12.45
CA ASN A 129 24.54 9.78 -13.86
C ASN A 129 23.42 9.43 -14.84
N PRO A 130 22.36 10.25 -14.91
CA PRO A 130 21.30 9.94 -15.88
C PRO A 130 21.77 10.19 -17.30
N GLU A 131 21.46 9.22 -18.18
CA GLU A 131 21.83 9.22 -19.60
C GLU A 131 20.63 8.84 -20.47
N ARG A 132 19.86 7.85 -20.04
CA ARG A 132 18.81 7.26 -20.89
C ARG A 132 17.39 7.20 -20.31
N PHE A 133 16.38 7.10 -21.18
CA PHE A 133 14.97 6.99 -20.77
C PHE A 133 14.60 5.55 -20.34
N CYS A 134 13.40 5.40 -19.75
CA CYS A 134 12.73 4.08 -19.56
C CYS A 134 12.38 3.32 -20.86
N PRO A 135 12.77 2.02 -20.95
CA PRO A 135 13.51 1.26 -19.96
C PRO A 135 15.03 1.16 -20.20
N GLU A 136 15.54 1.66 -21.34
CA GLU A 136 16.96 1.40 -21.71
C GLU A 136 18.02 1.57 -20.57
N LEU A 137 17.76 2.50 -19.65
CA LEU A 137 18.66 2.82 -18.52
C LEU A 137 19.11 1.63 -17.62
N ASN A 138 18.29 0.58 -17.55
CA ASN A 138 18.60 -0.58 -16.72
C ASN A 138 19.71 -1.48 -17.25
N GLU A 139 19.90 -1.46 -18.58
CA GLU A 139 20.91 -2.30 -19.24
C GLU A 139 22.33 -1.72 -19.08
N VAL A 140 22.93 -2.02 -17.91
CA VAL A 140 24.28 -1.59 -17.52
C VAL A 140 25.15 -2.83 -17.27
N ASN A 141 26.22 -2.98 -18.06
CA ASN A 141 27.28 -3.99 -17.84
C ASN A 141 28.24 -3.54 -16.73
N PRO A 142 28.93 -4.48 -16.04
CA PRO A 142 29.89 -4.04 -15.00
C PRO A 142 31.06 -3.18 -15.55
N GLY A 143 31.37 -2.09 -14.85
CA GLY A 143 32.43 -1.16 -15.28
C GLY A 143 31.97 0.09 -16.02
N GLU A 144 30.73 0.09 -16.53
CA GLU A 144 30.14 1.28 -17.15
C GLU A 144 29.62 2.23 -16.04
N THR A 145 29.47 3.51 -16.34
CA THR A 145 28.91 4.42 -15.33
C THR A 145 27.64 5.19 -15.73
N GLN A 146 27.25 5.14 -17.00
CA GLN A 146 25.94 5.66 -17.43
C GLN A 146 24.81 4.98 -16.62
N ASP A 147 23.82 5.79 -16.22
CA ASP A 147 22.65 5.34 -15.45
C ASP A 147 22.97 4.56 -14.14
N THR A 148 24.08 4.95 -13.50
CA THR A 148 24.46 4.48 -12.15
C THR A 148 24.53 5.58 -11.10
N SER A 149 24.47 5.15 -9.87
CA SER A 149 24.76 6.02 -8.71
C SER A 149 25.32 5.10 -7.67
N THR A 150 25.47 5.60 -6.42
CA THR A 150 25.96 4.79 -5.34
C THR A 150 24.95 4.99 -4.22
N ALA A 151 25.12 4.22 -3.15
CA ALA A 151 24.16 4.20 -2.03
C ALA A 151 24.32 5.48 -1.21
N ARG A 152 25.58 5.94 -1.05
CA ARG A 152 25.85 7.22 -0.44
C ARG A 152 25.20 8.38 -1.20
N ALA A 153 25.37 8.42 -2.53
CA ALA A 153 24.82 9.51 -3.34
C ALA A 153 23.29 9.50 -3.30
N LEU A 154 22.66 8.33 -3.45
CA LEU A 154 21.20 8.27 -3.51
C LEU A 154 20.57 8.71 -2.17
N VAL A 155 21.15 8.26 -1.04
CA VAL A 155 20.65 8.82 0.22
C VAL A 155 20.82 10.36 0.38
N THR A 156 22.02 10.90 0.07
CA THR A 156 22.27 12.33 0.12
C THR A 156 21.27 13.15 -0.77
N SER A 157 21.05 12.69 -2.00
CA SER A 157 20.11 13.35 -2.89
C SER A 157 18.64 13.22 -2.46
N LEU A 158 18.26 12.06 -1.88
CA LEU A 158 16.88 11.77 -1.49
C LEU A 158 16.57 12.64 -0.27
N ARG A 159 17.52 12.68 0.67
CA ARG A 159 17.44 13.57 1.82
C ARG A 159 17.34 15.08 1.48
N ALA A 160 18.17 15.54 0.53
CA ALA A 160 18.14 16.92 0.03
C ALA A 160 16.74 17.32 -0.43
N PHE A 161 16.07 16.50 -1.25
CA PHE A 161 14.72 16.86 -1.72
C PHE A 161 13.66 16.69 -0.61
N ALA A 162 13.64 15.53 0.03
CA ALA A 162 12.50 15.15 0.91
C ALA A 162 12.54 15.81 2.27
N LEU A 163 13.77 16.10 2.73
CA LEU A 163 14.01 16.45 4.12
C LEU A 163 14.74 17.80 4.39
N GLU A 164 15.48 18.30 3.42
CA GLU A 164 16.23 19.52 3.61
C GLU A 164 15.60 20.63 2.78
N ASP A 165 16.43 21.46 2.16
CA ASP A 165 15.93 22.67 1.53
C ASP A 165 16.06 22.73 0.04
N LYS A 166 16.11 21.58 -0.64
CA LYS A 166 15.92 21.59 -2.11
C LYS A 166 14.46 21.74 -2.54
N LEU A 167 13.53 21.55 -1.61
CA LEU A 167 12.13 21.89 -1.82
C LEU A 167 11.51 22.65 -0.66
N PRO A 168 10.45 23.44 -0.92
CA PRO A 168 9.70 24.07 0.17
C PRO A 168 8.73 23.04 0.85
N SER A 169 8.31 23.28 2.10
CA SER A 169 7.55 22.23 2.82
C SER A 169 6.33 21.57 2.14
N GLU A 170 5.42 22.33 1.53
CA GLU A 170 4.28 21.72 0.79
C GLU A 170 4.69 20.68 -0.25
N LYS A 171 5.80 20.93 -0.93
CA LYS A 171 6.27 20.05 -1.99
C LYS A 171 7.01 18.87 -1.37
N ARG A 172 7.73 19.07 -0.26
CA ARG A 172 8.32 17.95 0.44
C ARG A 172 7.22 17.06 0.96
N GLU A 173 6.14 17.65 1.44
CA GLU A 173 4.98 16.88 1.92
C GLU A 173 4.36 15.97 0.84
N LEU A 174 4.22 16.47 -0.40
CA LEU A 174 3.70 15.69 -1.54
C LEU A 174 4.61 14.56 -1.88
N LEU A 175 5.92 14.84 -1.96
CA LEU A 175 6.93 13.82 -2.24
C LEU A 175 6.89 12.70 -1.23
N ILE A 176 6.91 13.06 0.04
CA ILE A 176 6.88 12.08 1.13
C ILE A 176 5.52 11.32 1.18
N ASP A 177 4.42 12.02 0.91
CA ASP A 177 3.09 11.37 0.81
C ASP A 177 3.05 10.29 -0.26
N TRP A 178 3.45 10.64 -1.47
CA TRP A 178 3.54 9.63 -2.52
C TRP A 178 4.42 8.46 -2.14
N MET A 179 5.61 8.76 -1.63
CA MET A 179 6.57 7.70 -1.28
C MET A 179 6.15 6.84 -0.08
N LYS A 180 5.45 7.42 0.90
CA LYS A 180 4.83 6.63 1.99
C LYS A 180 3.79 5.63 1.46
N ARG A 181 3.12 6.00 0.34
CA ARG A 181 2.02 5.20 -0.20
C ARG A 181 2.46 4.37 -1.43
N ASN A 182 3.78 4.16 -1.53
CA ASN A 182 4.33 3.27 -2.56
C ASN A 182 3.72 1.88 -2.50
N THR A 183 3.32 1.32 -3.64
CA THR A 183 2.75 -0.05 -3.63
C THR A 183 3.76 -1.20 -3.92
N THR A 184 4.93 -0.89 -4.51
CA THR A 184 5.93 -1.88 -5.00
C THR A 184 6.97 -2.40 -3.98
N GLY A 185 6.89 -1.95 -2.72
CA GLY A 185 7.99 -2.17 -1.77
C GLY A 185 7.77 -3.01 -0.52
N ASP A 186 6.66 -3.74 -0.45
CA ASP A 186 6.28 -4.43 0.79
C ASP A 186 7.24 -5.50 1.28
N ALA A 187 7.96 -6.12 0.35
CA ALA A 187 8.88 -7.19 0.72
C ALA A 187 10.34 -6.69 0.79
N LEU A 188 10.57 -5.38 0.73
CA LEU A 188 11.96 -4.90 0.74
C LEU A 188 12.24 -4.22 2.06
N ILE A 189 12.54 -2.94 2.03
CA ILE A 189 12.90 -2.14 3.23
C ILE A 189 11.74 -2.18 4.27
N ARG A 190 10.50 -2.03 3.80
CA ARG A 190 9.29 -2.15 4.66
C ARG A 190 9.29 -3.45 5.44
N ALA A 191 9.76 -4.55 4.86
CA ALA A 191 9.77 -5.83 5.60
C ALA A 191 10.89 -6.00 6.65
N GLY A 192 11.78 -5.02 6.74
CA GLY A 192 12.98 -5.09 7.61
C GLY A 192 12.89 -4.10 8.74
N VAL A 193 11.71 -3.53 8.90
CA VAL A 193 11.46 -2.43 9.80
C VAL A 193 10.24 -2.83 10.70
N PRO A 194 10.26 -2.51 12.02
CA PRO A 194 9.03 -2.89 12.73
C PRO A 194 7.73 -2.21 12.25
N ASP A 195 6.58 -2.83 12.51
CA ASP A 195 5.28 -2.17 12.27
C ASP A 195 5.19 -0.95 13.16
N GLY A 196 4.59 0.11 12.63
CA GLY A 196 4.41 1.34 13.37
C GLY A 196 5.46 2.35 13.00
N TRP A 197 6.52 1.86 12.34
CA TRP A 197 7.55 2.69 11.75
C TRP A 197 7.17 3.04 10.31
N GLU A 198 6.88 4.32 10.09
CA GLU A 198 6.58 4.85 8.79
C GLU A 198 7.80 4.77 7.84
N VAL A 199 7.54 4.41 6.58
CA VAL A 199 8.58 4.25 5.56
C VAL A 199 8.02 4.92 4.32
N ALA A 200 8.86 5.74 3.67
CA ALA A 200 8.64 6.32 2.32
C ALA A 200 9.70 5.68 1.39
N ASP A 201 9.31 4.94 0.37
CA ASP A 201 10.34 4.25 -0.41
C ASP A 201 10.13 4.29 -1.91
N LYS A 202 11.21 3.99 -2.60
CA LYS A 202 11.13 3.77 -4.07
C LYS A 202 12.09 2.67 -4.38
N THR A 203 11.55 1.66 -5.07
CA THR A 203 12.24 0.44 -5.51
C THR A 203 12.81 0.58 -6.96
N GLY A 204 13.78 -0.26 -7.32
CA GLY A 204 14.23 -0.43 -8.70
C GLY A 204 14.65 -1.87 -8.98
N ALA A 205 14.63 -2.29 -10.25
CA ALA A 205 15.08 -3.62 -10.61
C ALA A 205 15.65 -3.46 -12.00
N ALA A 206 16.85 -4.18 -12.40
CA ALA A 206 17.44 -4.05 -13.73
C ALA A 206 18.19 -5.35 -13.96
N SER A 207 18.94 -5.44 -15.15
CA SER A 207 19.71 -6.60 -15.48
C SER A 207 20.79 -6.80 -14.44
N TYR A 208 21.56 -8.01 -14.65
CA TYR A 208 22.57 -8.35 -13.67
C TYR A 208 21.97 -8.52 -12.26
N GLY A 209 20.69 -8.88 -12.22
CA GLY A 209 19.97 -9.13 -10.95
C GLY A 209 19.98 -7.91 -10.06
N THR A 210 19.87 -6.74 -10.67
CA THR A 210 19.94 -5.51 -9.87
C THR A 210 18.64 -5.33 -9.10
N ARG A 211 18.74 -5.15 -7.78
CA ARG A 211 17.54 -4.99 -6.95
C ARG A 211 17.80 -3.97 -5.86
N ASN A 212 17.12 -2.83 -5.98
CA ASN A 212 17.34 -1.64 -5.12
C ASN A 212 16.11 -1.14 -4.39
N ASP A 213 16.36 -0.55 -3.22
CA ASP A 213 15.32 0.19 -2.53
C ASP A 213 15.99 1.39 -1.81
N ILE A 214 15.39 2.58 -1.96
CA ILE A 214 15.75 3.80 -1.21
C ILE A 214 14.58 4.28 -0.35
N ALA A 215 14.86 4.70 0.85
CA ALA A 215 13.76 4.98 1.74
C ALA A 215 14.16 6.02 2.74
N ILE A 216 13.11 6.69 3.20
CA ILE A 216 13.14 7.35 4.50
C ILE A 216 12.30 6.57 5.51
N ILE A 217 12.85 6.42 6.71
CA ILE A 217 12.24 5.62 7.75
C ILE A 217 12.07 6.50 8.99
N TRP A 218 10.86 6.57 9.54
CA TRP A 218 10.61 7.39 10.73
C TRP A 218 10.36 6.47 11.90
N PRO A 219 11.22 6.27 12.94
CA PRO A 219 10.96 5.47 14.11
C PRO A 219 9.93 6.20 14.95
N PRO A 220 8.71 5.74 15.82
CA PRO A 220 7.93 6.70 16.61
C PRO A 220 8.87 7.77 17.23
N LYS A 221 9.82 7.28 17.87
CA LYS A 221 10.77 8.01 18.69
C LYS A 221 11.92 8.71 17.90
N GLY A 222 11.74 9.96 17.46
CA GLY A 222 12.91 10.72 16.96
C GLY A 222 13.07 11.01 15.46
N ASP A 223 14.31 11.26 15.03
CA ASP A 223 14.55 11.76 13.68
C ASP A 223 14.52 10.63 12.65
N PRO A 224 14.17 10.96 11.39
CA PRO A 224 14.23 9.91 10.37
C PRO A 224 15.62 9.35 10.05
N VAL A 225 15.61 8.11 9.51
CA VAL A 225 16.80 7.46 8.98
C VAL A 225 16.67 7.52 7.47
N VAL A 226 17.77 7.82 6.81
CA VAL A 226 17.64 7.67 5.37
C VAL A 226 18.55 6.58 4.87
N LEU A 227 18.06 5.73 3.95
CA LEU A 227 18.70 4.45 3.68
C LEU A 227 18.67 4.14 2.20
N ALA A 228 19.80 3.69 1.65
CA ALA A 228 19.84 3.01 0.36
C ALA A 228 20.32 1.59 0.54
N VAL A 229 19.52 0.65 0.05
CA VAL A 229 19.97 -0.75 -0.13
C VAL A 229 19.98 -1.12 -1.64
N LEU A 230 21.17 -1.34 -2.18
CA LEU A 230 21.37 -1.60 -3.59
C LEU A 230 22.01 -2.99 -3.70
N SER A 231 21.80 -3.69 -4.82
CA SER A 231 22.35 -5.06 -4.94
C SER A 231 22.43 -5.44 -6.40
N SER A 232 23.33 -6.35 -6.72
CA SER A 232 23.52 -6.80 -8.09
C SER A 232 24.35 -8.06 -8.11
N ARG A 233 24.33 -8.73 -9.25
CA ARG A 233 24.98 -10.01 -9.44
C ARG A 233 25.45 -9.79 -10.89
N ASP A 234 25.57 -10.77 -11.73
CA ASP A 234 26.78 -11.47 -11.81
C ASP A 234 27.06 -12.10 -13.17
N LYS A 235 26.31 -13.06 -13.67
CA LYS A 235 25.12 -12.98 -14.58
C LYS A 235 24.13 -11.87 -14.98
N LYS A 236 24.19 -11.50 -16.27
CA LYS A 236 23.26 -10.53 -16.86
C LYS A 236 21.80 -10.94 -16.66
N ASP A 237 21.50 -12.23 -16.83
CA ASP A 237 20.15 -12.73 -16.68
C ASP A 237 19.84 -13.29 -15.29
N ALA A 238 20.67 -12.89 -14.32
CA ALA A 238 20.49 -13.25 -12.90
C ALA A 238 19.13 -12.81 -12.31
N LYS A 239 18.59 -13.59 -11.36
CA LYS A 239 17.37 -13.29 -10.63
C LYS A 239 17.79 -12.59 -9.40
N TYR A 240 16.91 -11.79 -8.81
CA TYR A 240 17.18 -11.27 -7.50
C TYR A 240 16.25 -11.88 -6.44
N ASP A 241 16.55 -11.56 -5.18
CA ASP A 241 15.70 -12.03 -4.12
C ASP A 241 15.42 -10.89 -3.16
N ASP A 242 14.15 -10.46 -3.10
CA ASP A 242 13.72 -9.30 -2.32
C ASP A 242 14.09 -9.49 -0.88
N LYS A 243 14.18 -10.76 -0.46
CA LYS A 243 14.60 -11.09 0.92
C LYS A 243 15.95 -10.55 1.33
N LEU A 244 16.88 -10.54 0.40
CA LEU A 244 18.20 -9.94 0.66
C LEU A 244 18.06 -8.44 1.13
N ILE A 245 17.17 -7.68 0.50
CA ILE A 245 16.95 -6.25 0.89
C ILE A 245 16.30 -6.15 2.27
N ALA A 246 15.29 -7.00 2.50
CA ALA A 246 14.61 -7.04 3.80
C ALA A 246 15.59 -7.35 4.86
N GLU A 247 16.35 -8.44 4.67
CA GLU A 247 17.40 -8.79 5.66
C GLU A 247 18.52 -7.73 5.83
N ALA A 248 19.07 -7.20 4.75
CA ALA A 248 19.99 -6.06 4.89
C ALA A 248 19.41 -4.90 5.74
N THR A 249 18.14 -4.58 5.49
CA THR A 249 17.44 -3.54 6.26
C THR A 249 17.38 -3.87 7.76
N LYS A 250 17.02 -5.10 8.12
CA LYS A 250 17.08 -5.55 9.56
C LYS A 250 18.47 -5.34 10.21
N VAL A 251 19.53 -5.68 9.48
CA VAL A 251 20.92 -5.54 9.96
C VAL A 251 21.19 -4.06 10.15
N VAL A 252 20.88 -3.21 9.18
CA VAL A 252 21.03 -1.73 9.36
C VAL A 252 20.33 -1.20 10.63
N MET A 253 19.09 -1.59 10.84
CA MET A 253 18.34 -1.06 11.96
C MET A 253 18.91 -1.53 13.31
N LYS A 254 19.49 -2.73 13.33
CA LYS A 254 20.13 -3.28 14.51
C LYS A 254 21.42 -2.52 14.87
N ALA A 255 22.21 -2.24 13.84
CA ALA A 255 23.44 -1.49 13.96
C ALA A 255 23.23 -0.04 14.41
N LEU A 256 22.06 0.54 14.09
CA LEU A 256 21.71 1.91 14.56
C LEU A 256 20.88 1.96 15.87
N ASN A 257 20.03 0.95 16.10
CA ASN A 257 19.21 0.92 17.31
C ASN A 257 20.15 0.75 18.49
N LYS B 1 -20.81 -23.64 -7.80
CA LYS B 1 -21.76 -23.84 -6.64
C LYS B 1 -21.69 -25.22 -5.97
N ASP B 2 -21.51 -26.28 -6.77
CA ASP B 2 -21.00 -27.55 -6.22
C ASP B 2 -19.53 -27.40 -5.77
N ASP B 3 -18.78 -26.51 -6.43
CA ASP B 3 -17.42 -26.16 -5.98
C ASP B 3 -17.42 -25.44 -4.65
N PHE B 4 -18.48 -24.67 -4.39
CA PHE B 4 -18.62 -24.04 -3.05
C PHE B 4 -18.94 -25.06 -1.95
N ALA B 5 -19.83 -26.01 -2.26
CA ALA B 5 -20.12 -27.16 -1.38
C ALA B 5 -18.87 -28.02 -1.15
N LYS B 6 -18.10 -28.21 -2.22
CA LYS B 6 -16.82 -28.94 -2.19
C LYS B 6 -15.82 -28.30 -1.20
N LEU B 7 -15.74 -26.96 -1.22
CA LEU B 7 -14.90 -26.23 -0.27
C LEU B 7 -15.40 -26.31 1.16
N GLU B 8 -16.71 -26.25 1.35
CA GLU B 8 -17.27 -26.38 2.73
C GLU B 8 -16.93 -27.74 3.26
N GLU B 9 -16.93 -28.73 2.37
CA GLU B 9 -16.65 -30.08 2.83
C GLU B 9 -15.13 -30.26 3.10
N GLN B 10 -14.27 -29.88 2.17
CA GLN B 10 -12.82 -29.92 2.37
C GLN B 10 -12.31 -29.18 3.62
N PHE B 11 -12.98 -28.09 3.99
CA PHE B 11 -12.51 -27.22 5.07
C PHE B 11 -13.40 -27.27 6.28
N ASP B 12 -14.35 -28.22 6.29
CA ASP B 12 -15.29 -28.35 7.41
C ASP B 12 -15.86 -26.96 7.87
N ALA B 13 -16.39 -26.18 6.92
CA ALA B 13 -16.76 -24.78 7.17
C ALA B 13 -18.10 -24.47 6.57
N LYS B 14 -18.69 -23.35 6.96
CA LYS B 14 -19.82 -22.78 6.27
C LYS B 14 -19.33 -21.52 5.51
N LEU B 15 -19.68 -21.46 4.22
CA LEU B 15 -19.33 -20.36 3.37
C LEU B 15 -20.53 -19.43 3.08
N GLY B 16 -20.25 -18.14 3.01
CA GLY B 16 -21.16 -17.03 2.63
C GLY B 16 -20.53 -16.17 1.55
N ILE B 17 -21.09 -16.30 0.33
CA ILE B 17 -20.54 -15.61 -0.86
C ILE B 17 -21.54 -14.68 -1.53
N PHE B 18 -21.11 -13.45 -1.75
CA PHE B 18 -21.82 -12.59 -2.71
C PHE B 18 -20.83 -11.83 -3.51
N ALA B 19 -21.01 -11.91 -4.82
CA ALA B 19 -20.15 -11.19 -5.72
C ALA B 19 -21.01 -10.54 -6.79
N LEU B 20 -20.75 -9.25 -7.01
CA LEU B 20 -21.41 -8.47 -8.06
C LEU B 20 -20.39 -7.86 -9.05
N ASP B 21 -20.56 -8.16 -10.34
CA ASP B 21 -19.75 -7.59 -11.42
C ASP B 21 -20.49 -6.32 -11.84
N THR B 22 -19.92 -5.16 -11.50
CA THR B 22 -20.65 -3.91 -11.64
C THR B 22 -20.70 -3.48 -13.12
N GLY B 23 -19.88 -4.12 -13.95
CA GLY B 23 -19.93 -3.98 -15.40
C GLY B 23 -21.07 -4.67 -16.12
N THR B 24 -21.51 -5.82 -15.65
CA THR B 24 -22.55 -6.60 -16.31
C THR B 24 -23.80 -6.78 -15.43
N ASN B 25 -23.66 -6.45 -14.15
CA ASN B 25 -24.67 -6.77 -13.13
C ASN B 25 -24.88 -8.26 -12.90
N ARG B 26 -24.02 -9.09 -13.49
CA ARG B 26 -23.99 -10.51 -13.15
C ARG B 26 -23.53 -10.78 -11.70
N THR B 27 -24.07 -11.84 -11.14
CA THR B 27 -24.05 -12.06 -9.72
C THR B 27 -23.56 -13.50 -9.42
N VAL B 28 -22.82 -13.68 -8.33
CA VAL B 28 -22.44 -15.00 -7.85
C VAL B 28 -22.69 -15.07 -6.33
N ALA B 29 -23.76 -16.17 -5.99
CA ALA B 29 -24.26 -16.13 -4.65
C ALA B 29 -24.18 -17.55 -4.13
N TYR B 30 -23.83 -17.69 -2.86
CA TYR B 30 -23.92 -18.98 -2.17
C TYR B 30 -24.13 -18.64 -0.70
N ARG B 31 -25.30 -19.00 -0.17
CA ARG B 31 -25.70 -18.44 1.16
C ARG B 31 -25.49 -16.93 1.31
N PRO B 32 -25.99 -16.10 0.35
CA PRO B 32 -25.72 -14.66 0.36
C PRO B 32 -26.35 -13.88 1.56
N ASP B 33 -27.36 -14.50 2.16
CA ASP B 33 -28.17 -13.83 3.13
C ASP B 33 -28.01 -14.51 4.47
N GLU B 34 -27.01 -15.39 4.58
CA GLU B 34 -26.71 -16.04 5.85
C GLU B 34 -25.91 -15.07 6.73
N ARG B 35 -26.27 -14.94 8.01
CA ARG B 35 -25.49 -14.08 8.92
C ARG B 35 -24.15 -14.71 9.37
N PHE B 36 -23.11 -13.88 9.40
CA PHE B 36 -21.78 -14.14 10.00
C PHE B 36 -21.40 -12.97 10.92
N ALA B 37 -20.59 -13.22 11.94
CA ALA B 37 -19.93 -12.13 12.65
C ALA B 37 -19.13 -11.37 11.59
N PHE B 38 -19.37 -10.07 11.48
CA PHE B 38 -18.62 -9.26 10.53
C PHE B 38 -17.14 -9.08 10.92
N ALA B 39 -16.85 -9.15 12.21
CA ALA B 39 -15.48 -8.90 12.76
C ALA B 39 -14.83 -7.61 12.23
N SER B 40 -13.52 -7.62 11.91
CA SER B 40 -12.84 -6.42 11.35
C SER B 40 -13.27 -5.90 9.99
N THR B 41 -14.07 -6.62 9.24
CA THR B 41 -14.59 -6.03 7.96
C THR B 41 -15.38 -4.72 8.22
N ILE B 42 -16.08 -4.64 9.35
CA ILE B 42 -16.77 -3.40 9.78
C ILE B 42 -15.86 -2.15 9.84
N LYS B 43 -14.53 -2.33 9.90
CA LYS B 43 -13.57 -1.19 9.90
C LYS B 43 -13.65 -0.38 8.62
N ALA B 44 -13.88 -1.07 7.50
CA ALA B 44 -14.01 -0.46 6.18
C ALA B 44 -15.24 0.46 6.14
N LEU B 45 -16.36 -0.04 6.63
CA LEU B 45 -17.64 0.70 6.72
C LEU B 45 -17.60 1.86 7.71
N THR B 46 -16.92 1.65 8.85
CA THR B 46 -16.62 2.69 9.83
C THR B 46 -15.83 3.88 9.24
N VAL B 47 -14.75 3.62 8.50
CA VAL B 47 -14.05 4.67 7.72
C VAL B 47 -14.95 5.34 6.67
N GLY B 48 -15.73 4.57 5.92
CA GLY B 48 -16.79 5.17 5.09
C GLY B 48 -17.68 6.23 5.77
N VAL B 49 -18.21 5.92 6.94
CA VAL B 49 -19.00 6.90 7.75
C VAL B 49 -18.13 8.07 8.23
N LEU B 50 -16.89 7.81 8.66
CA LEU B 50 -16.00 8.88 9.13
C LEU B 50 -15.76 9.85 8.03
N LEU B 51 -15.42 9.30 6.85
CA LEU B 51 -15.19 10.09 5.65
C LEU B 51 -16.43 10.91 5.27
N GLN B 52 -17.63 10.39 5.50
CA GLN B 52 -18.83 11.08 5.06
C GLN B 52 -19.14 12.23 5.99
N GLN B 53 -18.94 12.01 7.29
CA GLN B 53 -19.24 12.95 8.36
C GLN B 53 -18.18 14.04 8.43
N LYS B 54 -16.72 14.27 7.86
CA LYS B 54 -15.56 15.14 8.01
C LYS B 54 -15.21 15.62 6.64
N SER B 55 -14.85 16.89 6.48
CA SER B 55 -14.09 17.25 5.29
C SER B 55 -12.75 16.48 5.29
N ILE B 56 -12.06 16.42 4.15
CA ILE B 56 -10.74 15.79 4.15
C ILE B 56 -9.75 16.53 5.03
N GLU B 57 -9.85 17.85 5.03
CA GLU B 57 -9.03 18.65 5.94
C GLU B 57 -9.26 18.31 7.41
N ASP B 58 -10.54 18.10 7.79
CA ASP B 58 -10.95 17.75 9.17
C ASP B 58 -10.23 16.46 9.63
N LEU B 59 -9.81 15.61 8.68
CA LEU B 59 -9.09 14.37 9.08
C LEU B 59 -7.72 14.62 9.70
N ASN B 60 -7.26 15.84 9.57
CA ASN B 60 -5.98 16.23 10.09
C ASN B 60 -6.11 16.58 11.56
N GLN B 61 -7.34 16.61 12.07
CA GLN B 61 -7.53 16.72 13.55
C GLN B 61 -6.68 15.69 14.34
N ARG B 62 -5.76 16.17 15.18
CA ARG B 62 -4.98 15.28 16.05
C ARG B 62 -5.83 14.69 17.16
N ILE B 63 -5.79 13.37 17.28
CA ILE B 63 -6.45 12.68 18.37
C ILE B 63 -5.40 12.29 19.40
N THR B 64 -5.53 12.82 20.61
CA THR B 64 -4.69 12.39 21.72
C THR B 64 -5.42 11.29 22.48
N TYR B 65 -4.68 10.29 22.93
CA TYR B 65 -5.28 9.11 23.55
C TYR B 65 -4.27 8.59 24.56
N THR B 66 -4.72 7.71 25.42
CA THR B 66 -3.91 7.14 26.49
C THR B 66 -3.79 5.61 26.33
N ARG B 67 -3.31 4.95 27.39
CA ARG B 67 -2.87 3.55 27.36
C ARG B 67 -3.73 2.24 27.37
N ASP B 68 -4.94 2.03 27.91
CA ASP B 68 -6.12 2.84 28.17
C ASP B 68 -7.12 2.80 27.06
N ASP B 69 -6.80 3.44 25.94
CA ASP B 69 -7.56 3.22 24.72
C ASP B 69 -6.98 2.02 23.98
N LEU B 70 -5.81 1.55 24.43
CA LEU B 70 -5.15 0.39 23.85
C LEU B 70 -5.90 -0.86 24.24
N VAL B 71 -6.13 -1.74 23.28
CA VAL B 71 -6.75 -3.03 23.57
C VAL B 71 -5.72 -4.18 23.33
N ASN B 72 -6.08 -5.17 22.50
CA ASN B 72 -5.34 -6.42 22.39
C ASN B 72 -4.34 -6.51 21.24
N TYR B 73 -4.55 -5.66 20.22
CA TYR B 73 -3.76 -5.60 19.00
C TYR B 73 -3.78 -4.16 18.53
N ASN B 74 -2.62 -3.52 18.71
CA ASN B 74 -2.47 -2.08 18.60
C ASN B 74 -1.16 -1.87 17.87
N PRO B 75 -1.02 -2.47 16.66
CA PRO B 75 0.30 -2.46 16.04
C PRO B 75 0.92 -1.07 15.81
N ILE B 76 0.09 -0.10 15.41
CA ILE B 76 0.54 1.25 15.06
C ILE B 76 0.32 2.18 16.24
N THR B 77 -0.88 2.08 16.79
CA THR B 77 -1.41 2.86 17.88
C THR B 77 -0.59 2.76 19.20
N GLU B 78 -0.04 1.59 19.50
CA GLU B 78 0.89 1.46 20.63
C GLU B 78 2.19 2.28 20.46
N LYS B 79 2.55 2.63 19.23
CA LYS B 79 3.80 3.33 19.01
C LYS B 79 3.65 4.84 19.22
N HIS B 80 2.40 5.32 19.42
CA HIS B 80 2.12 6.76 19.34
C HIS B 80 1.26 7.40 20.41
N VAL B 81 1.16 6.76 21.58
CA VAL B 81 0.35 7.30 22.69
C VAL B 81 0.87 8.65 23.24
N ASP B 82 2.17 8.84 23.17
CA ASP B 82 2.76 10.10 23.59
C ASP B 82 2.45 11.31 22.64
N THR B 83 2.57 11.13 21.33
CA THR B 83 2.19 12.16 20.35
C THR B 83 0.68 12.21 19.93
N GLY B 84 -0.04 11.11 20.06
CA GLY B 84 -1.39 10.99 19.46
C GLY B 84 -1.29 10.79 17.96
N MET B 85 -2.43 10.65 17.30
CA MET B 85 -2.45 10.40 15.86
C MET B 85 -3.62 11.19 15.26
N THR B 86 -3.49 11.59 13.99
CA THR B 86 -4.59 12.28 13.32
C THR B 86 -5.64 11.27 12.87
N LEU B 87 -6.85 11.77 12.66
CA LEU B 87 -7.96 10.92 12.22
C LEU B 87 -7.48 10.12 10.99
N LYS B 88 -6.74 10.80 10.11
CA LYS B 88 -6.32 10.19 8.81
C LYS B 88 -5.33 9.03 9.03
N GLU B 89 -4.37 9.25 9.94
CA GLU B 89 -3.47 8.21 10.39
C GLU B 89 -4.21 7.04 11.08
N LEU B 90 -5.24 7.33 11.89
CA LEU B 90 -6.05 6.29 12.53
C LEU B 90 -6.80 5.42 11.51
N ALA B 91 -7.31 6.06 10.43
CA ALA B 91 -8.03 5.36 9.38
C ALA B 91 -7.05 4.47 8.66
N ASP B 92 -5.85 4.98 8.41
CA ASP B 92 -4.73 4.16 7.83
C ASP B 92 -4.37 2.91 8.69
N ALA B 93 -4.23 3.06 10.02
CA ALA B 93 -3.89 1.94 10.87
C ALA B 93 -5.02 0.91 10.93
N SER B 94 -6.25 1.39 11.03
CA SER B 94 -7.43 0.59 11.13
C SER B 94 -7.61 -0.25 9.91
N LEU B 95 -7.52 0.38 8.74
CA LEU B 95 -7.73 -0.38 7.45
C LEU B 95 -6.54 -1.26 7.01
N ARG B 96 -5.32 -0.75 7.10
CA ARG B 96 -4.17 -1.47 6.55
C ARG B 96 -3.57 -2.46 7.54
N TYR B 97 -3.73 -2.20 8.83
CA TYR B 97 -3.23 -3.12 9.82
C TYR B 97 -4.27 -3.74 10.74
N SER B 98 -5.55 -3.31 10.65
CA SER B 98 -6.63 -3.85 11.44
C SER B 98 -6.27 -3.61 12.93
N ASP B 99 -5.81 -2.39 13.18
CA ASP B 99 -5.39 -1.94 14.51
C ASP B 99 -6.68 -1.71 15.30
N ASN B 100 -6.89 -2.48 16.35
CA ASN B 100 -8.17 -2.38 17.07
C ASN B 100 -8.36 -1.07 17.79
N ALA B 101 -7.31 -0.56 18.44
CA ALA B 101 -7.40 0.69 19.17
C ALA B 101 -7.77 1.85 18.24
N ALA B 102 -7.21 1.81 17.01
CA ALA B 102 -7.47 2.78 15.96
C ALA B 102 -8.95 2.77 15.62
N GLN B 103 -9.53 1.58 15.60
CA GLN B 103 -10.95 1.47 15.26
C GLN B 103 -11.82 2.01 16.41
N ASN B 104 -11.46 1.75 17.66
CA ASN B 104 -12.28 2.25 18.80
C ASN B 104 -12.29 3.78 18.84
N LEU B 105 -11.12 4.37 18.56
CA LEU B 105 -10.95 5.81 18.48
C LEU B 105 -11.81 6.47 17.41
N ILE B 106 -11.82 5.87 16.20
CA ILE B 106 -12.66 6.35 15.08
C ILE B 106 -14.14 6.15 15.43
N LEU B 107 -14.48 4.99 15.95
CA LEU B 107 -15.83 4.71 16.41
C LEU B 107 -16.32 5.72 17.49
N LYS B 108 -15.49 6.01 18.50
CA LYS B 108 -15.80 7.11 19.46
C LYS B 108 -16.01 8.52 18.82
N GLN B 109 -15.26 8.87 17.77
CA GLN B 109 -15.43 10.11 17.01
C GLN B 109 -16.75 10.18 16.24
N ILE B 110 -17.27 9.04 15.83
CA ILE B 110 -18.50 9.09 15.03
C ILE B 110 -19.74 8.93 15.88
N GLY B 111 -19.55 8.78 17.18
CA GLY B 111 -20.67 8.63 18.09
C GLY B 111 -20.87 7.25 18.71
N GLY B 112 -19.99 6.28 18.45
CA GLY B 112 -20.15 4.90 18.94
C GLY B 112 -20.95 3.98 18.00
N PRO B 113 -21.11 2.69 18.38
CA PRO B 113 -21.76 1.73 17.47
C PRO B 113 -23.21 2.08 17.18
N GLU B 114 -23.94 2.65 18.14
CA GLU B 114 -25.36 2.93 17.84
C GLU B 114 -25.46 4.00 16.80
N SER B 115 -24.53 4.94 16.85
CA SER B 115 -24.51 5.95 15.84
C SER B 115 -23.97 5.44 14.51
N LEU B 116 -22.96 4.55 14.54
CA LEU B 116 -22.52 3.86 13.31
C LEU B 116 -23.71 3.12 12.66
N LYS B 117 -24.51 2.47 13.50
CA LYS B 117 -25.69 1.78 12.96
C LYS B 117 -26.70 2.72 12.35
N LYS B 118 -26.89 3.89 12.95
CA LYS B 118 -27.79 4.89 12.38
C LYS B 118 -27.30 5.32 11.03
N GLU B 119 -25.98 5.47 10.88
CA GLU B 119 -25.44 5.96 9.62
C GLU B 119 -25.58 4.92 8.48
N LEU B 120 -25.40 3.64 8.82
CA LEU B 120 -25.60 2.53 7.85
C LEU B 120 -27.05 2.42 7.43
N ARG B 121 -27.99 2.59 8.37
CA ARG B 121 -29.41 2.57 7.98
C ARG B 121 -29.69 3.70 7.00
N LYS B 122 -29.07 4.86 7.27
CA LYS B 122 -29.15 6.05 6.43
C LYS B 122 -28.64 5.82 5.03
N ILE B 123 -27.65 4.94 4.80
CA ILE B 123 -27.23 4.67 3.41
C ILE B 123 -27.97 3.49 2.82
N GLY B 124 -28.89 2.91 3.61
CA GLY B 124 -29.83 1.89 3.09
C GLY B 124 -29.52 0.48 3.52
N ASP B 125 -28.61 0.31 4.48
CA ASP B 125 -28.26 -1.02 4.97
C ASP B 125 -29.07 -1.30 6.24
N GLU B 126 -30.14 -2.10 6.15
CA GLU B 126 -30.89 -2.57 7.36
C GLU B 126 -30.45 -3.92 7.90
N VAL B 127 -29.33 -4.44 7.44
CA VAL B 127 -28.88 -5.75 7.94
C VAL B 127 -27.66 -5.71 8.89
N THR B 128 -26.61 -5.00 8.50
CA THR B 128 -25.46 -4.85 9.39
C THR B 128 -25.89 -4.30 10.74
N ASN B 129 -25.52 -5.01 11.83
CA ASN B 129 -25.86 -4.67 13.22
C ASN B 129 -24.69 -4.34 14.15
N PRO B 130 -24.15 -3.10 14.08
CA PRO B 130 -23.13 -2.71 15.04
C PRO B 130 -23.76 -2.54 16.44
N GLU B 131 -23.17 -3.17 17.45
CA GLU B 131 -23.62 -3.08 18.84
C GLU B 131 -22.47 -2.80 19.81
N ARG B 132 -21.28 -3.38 19.55
CA ARG B 132 -20.16 -3.35 20.52
C ARG B 132 -18.85 -2.78 19.97
N PHE B 133 -17.89 -2.45 20.85
CA PHE B 133 -16.55 -2.03 20.41
C PHE B 133 -15.60 -3.23 20.18
N CYS B 134 -14.35 -2.94 19.76
CA CYS B 134 -13.27 -3.94 19.64
C CYS B 134 -12.50 -4.17 20.97
N PRO B 135 -11.94 -5.39 21.17
CA PRO B 135 -12.00 -6.61 20.33
C PRO B 135 -13.32 -7.37 20.40
N GLU B 136 -14.19 -7.03 21.37
CA GLU B 136 -15.27 -7.93 21.80
C GLU B 136 -16.49 -8.08 20.90
N LEU B 137 -16.51 -7.33 19.79
CA LEU B 137 -17.46 -7.57 18.67
C LEU B 137 -17.20 -8.91 17.93
N ASN B 138 -16.05 -9.53 18.21
CA ASN B 138 -15.68 -10.84 17.67
C ASN B 138 -16.49 -11.99 18.26
N GLU B 139 -16.91 -11.83 19.52
CA GLU B 139 -17.64 -12.85 20.27
C GLU B 139 -19.13 -12.86 19.95
N VAL B 140 -19.49 -13.58 18.90
CA VAL B 140 -20.88 -13.85 18.51
C VAL B 140 -21.07 -15.36 18.57
N ASN B 141 -22.18 -15.81 19.19
CA ASN B 141 -22.56 -17.25 19.29
C ASN B 141 -23.71 -17.59 18.33
N PRO B 142 -23.70 -18.80 17.72
CA PRO B 142 -24.82 -19.21 16.86
C PRO B 142 -26.20 -18.66 17.30
N GLY B 143 -26.97 -18.18 16.31
CA GLY B 143 -28.30 -17.61 16.59
C GLY B 143 -28.37 -16.09 16.74
N GLU B 144 -27.33 -15.51 17.34
CA GLU B 144 -27.29 -14.08 17.68
C GLU B 144 -27.09 -13.21 16.45
N THR B 145 -27.73 -12.07 16.41
CA THR B 145 -27.57 -11.18 15.26
C THR B 145 -26.73 -9.91 15.57
N GLN B 146 -26.40 -9.67 16.84
CA GLN B 146 -25.56 -8.54 17.16
C GLN B 146 -24.18 -8.72 16.54
N ASP B 147 -23.67 -7.64 15.93
CA ASP B 147 -22.34 -7.58 15.32
C ASP B 147 -22.18 -8.58 14.15
N THR B 148 -23.31 -8.81 13.48
CA THR B 148 -23.35 -9.60 12.26
C THR B 148 -23.79 -8.87 11.01
N SER B 149 -23.40 -9.41 9.87
CA SER B 149 -23.99 -8.98 8.59
C SER B 149 -24.00 -10.16 7.64
N THR B 150 -24.35 -9.92 6.39
CA THR B 150 -24.41 -11.03 5.39
C THR B 150 -23.52 -10.65 4.21
N ALA B 151 -23.20 -11.63 3.33
CA ALA B 151 -22.31 -11.30 2.18
C ALA B 151 -22.98 -10.23 1.23
N ARG B 152 -24.27 -10.38 0.97
CA ARG B 152 -24.98 -9.38 0.18
C ARG B 152 -24.92 -7.95 0.76
N ALA B 153 -25.19 -7.79 2.07
CA ALA B 153 -25.27 -6.48 2.69
C ALA B 153 -23.87 -5.85 2.74
N LEU B 154 -22.84 -6.67 2.98
CA LEU B 154 -21.50 -6.16 3.02
C LEU B 154 -21.01 -5.66 1.62
N VAL B 155 -21.29 -6.39 0.53
CA VAL B 155 -20.97 -5.84 -0.80
C VAL B 155 -21.82 -4.64 -1.12
N THR B 156 -23.12 -4.71 -0.80
CA THR B 156 -24.01 -3.54 -1.02
C THR B 156 -23.50 -2.25 -0.36
N SER B 157 -23.20 -2.29 0.95
CA SER B 157 -22.62 -1.16 1.70
C SER B 157 -21.22 -0.70 1.30
N LEU B 158 -20.32 -1.63 1.05
CA LEU B 158 -19.01 -1.36 0.47
C LEU B 158 -19.09 -0.71 -0.93
N ARG B 159 -19.90 -1.25 -1.85
CA ARG B 159 -20.08 -0.59 -3.11
C ARG B 159 -20.60 0.84 -2.92
N ALA B 160 -21.52 1.02 -1.97
CA ALA B 160 -22.18 2.32 -1.79
C ALA B 160 -21.16 3.45 -1.46
N PHE B 161 -20.21 3.18 -0.55
CA PHE B 161 -19.25 4.17 -0.11
C PHE B 161 -18.14 4.33 -1.13
N ALA B 162 -17.67 3.19 -1.67
CA ALA B 162 -16.42 3.13 -2.41
C ALA B 162 -16.64 3.50 -3.83
N LEU B 163 -17.81 3.17 -4.36
CA LEU B 163 -18.02 3.22 -5.80
C LEU B 163 -19.25 3.99 -6.26
N GLU B 164 -20.18 4.27 -5.37
CA GLU B 164 -21.37 5.01 -5.75
C GLU B 164 -21.40 6.43 -5.09
N ASP B 165 -22.57 6.87 -4.63
CA ASP B 165 -22.77 8.30 -4.24
C ASP B 165 -22.98 8.56 -2.79
N LYS B 166 -22.54 7.63 -1.94
CA LYS B 166 -22.48 7.91 -0.49
C LYS B 166 -21.23 8.70 -0.09
N LEU B 167 -20.29 8.88 -1.03
CA LEU B 167 -19.12 9.72 -0.83
C LEU B 167 -18.82 10.39 -2.14
N PRO B 168 -18.26 11.62 -2.10
CA PRO B 168 -17.74 12.31 -3.23
C PRO B 168 -16.42 11.68 -3.64
N SER B 169 -16.00 11.93 -4.87
CA SER B 169 -14.87 11.23 -5.47
C SER B 169 -13.56 11.31 -4.68
N GLU B 170 -13.21 12.45 -4.14
CA GLU B 170 -11.93 12.52 -3.46
C GLU B 170 -11.87 11.60 -2.24
N LYS B 171 -13.01 11.40 -1.55
CA LYS B 171 -13.09 10.59 -0.32
C LYS B 171 -13.17 9.09 -0.66
N ARG B 172 -13.93 8.76 -1.67
CA ARG B 172 -13.83 7.44 -2.33
C ARG B 172 -12.38 7.05 -2.66
N GLU B 173 -11.61 7.96 -3.28
CA GLU B 173 -10.20 7.72 -3.56
C GLU B 173 -9.39 7.39 -2.32
N LEU B 174 -9.56 8.17 -1.26
CA LEU B 174 -8.89 7.83 0.03
C LEU B 174 -9.23 6.41 0.45
N LEU B 175 -10.52 6.12 0.59
CA LEU B 175 -10.96 4.80 1.05
C LEU B 175 -10.38 3.65 0.20
N ILE B 176 -10.46 3.81 -1.12
CA ILE B 176 -10.00 2.78 -2.02
C ILE B 176 -8.47 2.63 -1.95
N ASP B 177 -7.75 3.74 -1.72
CA ASP B 177 -6.28 3.63 -1.71
C ASP B 177 -5.86 2.93 -0.44
N TRP B 178 -6.41 3.32 0.70
CA TRP B 178 -6.11 2.55 1.94
C TRP B 178 -6.34 1.03 1.80
N MET B 179 -7.50 0.65 1.24
CA MET B 179 -7.87 -0.78 1.08
C MET B 179 -7.02 -1.52 0.01
N LYS B 180 -6.67 -0.80 -1.04
CA LYS B 180 -5.65 -1.28 -2.00
C LYS B 180 -4.33 -1.65 -1.35
N ARG B 181 -3.92 -0.84 -0.39
CA ARG B 181 -2.67 -1.05 0.33
C ARG B 181 -2.77 -1.80 1.66
N ASN B 182 -3.86 -2.56 1.85
CA ASN B 182 -4.02 -3.43 3.06
C ASN B 182 -2.86 -4.39 3.24
N THR B 183 -2.36 -4.57 4.48
CA THR B 183 -1.22 -5.47 4.67
C THR B 183 -1.59 -6.84 5.17
N THR B 184 -2.87 -7.01 5.55
CA THR B 184 -3.33 -8.25 6.18
C THR B 184 -3.97 -9.29 5.27
N GLY B 185 -4.06 -9.05 3.96
CA GLY B 185 -4.89 -9.90 3.19
C GLY B 185 -4.30 -10.73 2.06
N ASP B 186 -2.99 -10.92 2.01
CA ASP B 186 -2.31 -11.51 0.82
C ASP B 186 -2.69 -12.95 0.54
N ALA B 187 -3.04 -13.69 1.60
CA ALA B 187 -3.39 -15.11 1.48
C ALA B 187 -4.90 -15.37 1.36
N LEU B 188 -5.68 -14.29 1.20
CA LEU B 188 -7.15 -14.42 1.12
C LEU B 188 -7.64 -14.07 -0.29
N ILE B 189 -8.52 -13.09 -0.44
CA ILE B 189 -9.05 -12.72 -1.77
C ILE B 189 -7.93 -12.46 -2.80
N ARG B 190 -6.85 -11.79 -2.37
CA ARG B 190 -5.76 -11.43 -3.29
C ARG B 190 -5.10 -12.66 -3.84
N ALA B 191 -5.13 -13.78 -3.12
CA ALA B 191 -4.51 -15.02 -3.58
C ALA B 191 -5.37 -15.80 -4.58
N GLY B 192 -6.61 -15.34 -4.82
CA GLY B 192 -7.55 -16.01 -5.67
C GLY B 192 -7.86 -15.22 -6.92
N VAL B 193 -7.16 -14.11 -7.11
CA VAL B 193 -7.43 -13.16 -8.17
C VAL B 193 -6.26 -13.27 -9.17
N PRO B 194 -6.55 -13.13 -10.50
CA PRO B 194 -5.46 -13.17 -11.42
C PRO B 194 -4.41 -12.10 -11.18
N ASP B 195 -3.17 -12.47 -11.48
CA ASP B 195 -2.00 -11.61 -11.55
C ASP B 195 -2.22 -10.27 -12.22
N GLY B 196 -1.78 -9.21 -11.55
CA GLY B 196 -1.87 -7.87 -12.13
C GLY B 196 -3.20 -7.13 -11.99
N TRP B 197 -4.21 -7.78 -11.40
CA TRP B 197 -5.51 -7.15 -11.11
C TRP B 197 -5.48 -6.53 -9.70
N GLU B 198 -5.72 -5.21 -9.59
CA GLU B 198 -5.72 -4.51 -8.29
C GLU B 198 -6.88 -4.96 -7.43
N VAL B 199 -6.64 -5.02 -6.12
CA VAL B 199 -7.58 -5.51 -5.17
C VAL B 199 -7.53 -4.53 -4.03
N ALA B 200 -8.70 -4.07 -3.59
CA ALA B 200 -8.85 -3.29 -2.36
C ALA B 200 -9.56 -4.24 -1.37
N ASP B 201 -9.03 -4.52 -0.17
CA ASP B 201 -9.75 -5.52 0.61
C ASP B 201 -9.69 -5.15 2.06
N LYS B 202 -10.59 -5.76 2.82
CA LYS B 202 -10.48 -5.67 4.31
C LYS B 202 -10.87 -7.06 4.89
N THR B 203 -9.99 -7.64 5.73
CA THR B 203 -10.20 -8.99 6.30
C THR B 203 -10.84 -8.88 7.73
N GLY B 204 -11.36 -10.00 8.23
CA GLY B 204 -11.81 -10.14 9.61
C GLY B 204 -11.60 -11.59 10.08
N ALA B 205 -11.49 -11.77 11.41
CA ALA B 205 -11.38 -13.08 12.02
C ALA B 205 -12.12 -12.91 13.38
N ALA B 206 -12.97 -13.99 13.88
CA ALA B 206 -13.75 -13.93 15.13
C ALA B 206 -13.91 -15.35 15.67
N SER B 207 -14.79 -15.37 16.70
CA SER B 207 -14.60 -16.77 17.10
C SER B 207 -15.49 -17.64 16.22
N TYR B 208 -15.67 -18.92 16.64
CA TYR B 208 -16.25 -19.93 15.75
C TYR B 208 -15.50 -20.07 14.42
N GLY B 209 -14.20 -19.83 14.44
CA GLY B 209 -13.41 -19.99 13.20
C GLY B 209 -13.86 -19.05 12.08
N THR B 210 -14.49 -17.95 12.47
CA THR B 210 -14.96 -16.96 11.50
C THR B 210 -13.80 -16.32 10.77
N ARG B 211 -13.83 -16.31 9.43
CA ARG B 211 -12.70 -15.77 8.67
C ARG B 211 -13.30 -15.15 7.46
N ASN B 212 -13.12 -13.83 7.30
CA ASN B 212 -13.87 -12.99 6.33
C ASN B 212 -12.89 -12.14 5.52
N ASP B 213 -13.26 -11.88 4.26
CA ASP B 213 -12.60 -10.88 3.46
C ASP B 213 -13.70 -10.24 2.57
N ILE B 214 -13.71 -8.90 2.54
CA ILE B 214 -14.52 -8.13 1.59
C ILE B 214 -13.61 -7.29 0.69
N ALA B 215 -13.93 -7.25 -0.60
CA ALA B 215 -13.02 -6.67 -1.55
C ALA B 215 -13.70 -6.01 -2.77
N ILE B 216 -12.92 -5.15 -3.41
CA ILE B 216 -13.20 -4.67 -4.75
C ILE B 216 -12.05 -5.07 -5.68
N ILE B 217 -12.38 -5.66 -6.82
CA ILE B 217 -11.34 -6.20 -7.68
C ILE B 217 -11.54 -5.53 -9.01
N TRP B 218 -10.48 -4.95 -9.55
CA TRP B 218 -10.48 -4.26 -10.83
C TRP B 218 -9.85 -5.13 -11.92
N PRO B 219 -10.71 -5.56 -13.08
CA PRO B 219 -9.74 -5.98 -14.07
C PRO B 219 -9.21 -4.70 -14.65
N PRO B 220 -8.12 -5.36 -15.55
CA PRO B 220 -7.17 -4.38 -16.09
C PRO B 220 -7.88 -3.26 -16.89
N LYS B 221 -8.76 -3.87 -17.76
CA LYS B 221 -9.77 -3.09 -18.46
C LYS B 221 -11.20 -3.50 -17.99
N GLY B 222 -11.96 -2.56 -17.46
CA GLY B 222 -13.37 -2.84 -17.15
C GLY B 222 -13.80 -2.50 -15.74
N ASP B 223 -15.11 -2.55 -15.54
CA ASP B 223 -15.73 -2.18 -14.26
C ASP B 223 -15.44 -3.19 -13.16
N PRO B 224 -15.27 -2.72 -11.91
CA PRO B 224 -14.86 -3.62 -10.82
C PRO B 224 -15.89 -4.68 -10.45
N VAL B 225 -15.38 -5.77 -9.91
CA VAL B 225 -16.21 -6.75 -9.21
C VAL B 225 -16.21 -6.37 -7.71
N VAL B 226 -17.38 -6.37 -7.08
CA VAL B 226 -17.29 -6.38 -5.60
C VAL B 226 -17.74 -7.72 -4.96
N LEU B 227 -17.04 -8.14 -3.91
CA LEU B 227 -17.07 -9.55 -3.48
C LEU B 227 -17.02 -9.54 -1.97
N ALA B 228 -17.86 -10.36 -1.34
CA ALA B 228 -17.71 -10.75 0.06
C ALA B 228 -17.56 -12.26 0.09
N VAL B 229 -16.57 -12.71 0.86
CA VAL B 229 -16.37 -14.10 1.19
C VAL B 229 -16.32 -14.24 2.72
N LEU B 230 -17.38 -14.82 3.28
CA LEU B 230 -17.50 -14.99 4.72
C LEU B 230 -17.47 -16.48 5.10
N SER B 231 -17.06 -16.79 6.32
CA SER B 231 -16.86 -18.17 6.67
C SER B 231 -16.96 -18.28 8.18
N SER B 232 -17.48 -19.43 8.62
CA SER B 232 -17.58 -19.82 10.02
C SER B 232 -17.65 -21.35 10.20
N ARG B 233 -17.47 -21.81 11.42
CA ARG B 233 -17.39 -23.25 11.68
C ARG B 233 -18.10 -23.55 12.99
N ASP B 234 -17.93 -24.74 13.55
CA ASP B 234 -18.95 -25.25 14.45
C ASP B 234 -19.31 -24.85 15.89
N LYS B 235 -18.52 -24.81 16.97
CA LYS B 235 -17.09 -24.85 17.28
C LYS B 235 -16.38 -23.54 17.77
N LYS B 236 -16.59 -23.17 19.04
CA LYS B 236 -16.18 -21.83 19.51
C LYS B 236 -14.70 -21.53 19.20
N ASP B 237 -13.82 -22.48 19.48
CA ASP B 237 -12.38 -22.23 19.35
C ASP B 237 -11.80 -22.85 18.11
N ALA B 238 -12.63 -23.06 17.09
CA ALA B 238 -12.16 -23.55 15.79
C ALA B 238 -11.10 -22.63 15.20
N LYS B 239 -10.09 -23.25 14.58
CA LYS B 239 -9.10 -22.57 13.74
C LYS B 239 -9.71 -22.33 12.38
N TYR B 240 -9.21 -21.36 11.62
CA TYR B 240 -9.65 -21.13 10.24
C TYR B 240 -8.49 -21.44 9.31
N ASP B 241 -8.78 -21.46 8.02
CA ASP B 241 -7.73 -21.68 7.12
C ASP B 241 -7.95 -20.65 6.02
N ASP B 242 -6.96 -19.75 5.84
CA ASP B 242 -6.96 -18.72 4.77
C ASP B 242 -7.17 -19.28 3.40
N LYS B 243 -6.70 -20.50 3.17
CA LYS B 243 -6.84 -21.15 1.84
C LYS B 243 -8.28 -21.29 1.38
N LEU B 244 -9.20 -21.49 2.33
CA LEU B 244 -10.62 -21.54 2.00
C LEU B 244 -11.09 -20.26 1.31
N ILE B 245 -10.69 -19.12 1.85
CA ILE B 245 -11.02 -17.80 1.26
C ILE B 245 -10.38 -17.64 -0.13
N ALA B 246 -9.11 -18.04 -0.25
CA ALA B 246 -8.43 -17.92 -1.55
C ALA B 246 -9.12 -18.80 -2.57
N GLU B 247 -9.41 -20.05 -2.18
CA GLU B 247 -10.06 -20.99 -3.09
C GLU B 247 -11.51 -20.58 -3.49
N ALA B 248 -12.31 -20.13 -2.52
CA ALA B 248 -13.65 -19.56 -2.80
C ALA B 248 -13.60 -18.41 -3.86
N THR B 249 -12.60 -17.56 -3.73
CA THR B 249 -12.39 -16.43 -4.60
C THR B 249 -12.11 -16.91 -6.04
N LYS B 250 -11.23 -17.90 -6.21
CA LYS B 250 -11.00 -18.51 -7.55
C LYS B 250 -12.27 -19.08 -8.22
N VAL B 251 -13.11 -19.73 -7.42
CA VAL B 251 -14.40 -20.25 -7.91
C VAL B 251 -15.24 -19.06 -8.37
N VAL B 252 -15.33 -18.00 -7.53
CA VAL B 252 -16.14 -16.77 -7.88
C VAL B 252 -15.72 -16.21 -9.23
N MET B 253 -14.41 -16.08 -9.43
CA MET B 253 -13.83 -15.49 -10.64
C MET B 253 -14.13 -16.33 -11.90
N LYS B 254 -14.02 -17.65 -11.74
CA LYS B 254 -14.33 -18.58 -12.82
C LYS B 254 -15.82 -18.46 -13.17
N ALA B 255 -16.69 -18.48 -12.17
CA ALA B 255 -18.13 -18.28 -12.36
C ALA B 255 -18.52 -16.97 -13.08
N LEU B 256 -17.71 -15.92 -12.88
CA LEU B 256 -17.90 -14.60 -13.48
C LEU B 256 -17.18 -14.40 -14.81
N ASN B 257 -16.01 -15.03 -14.97
CA ASN B 257 -15.20 -14.85 -16.18
C ASN B 257 -15.77 -15.82 -17.17
S SO4 C . 10.31 -1.65 -9.60
O1 SO4 C . 9.50 -0.71 -8.85
O2 SO4 C . 11.35 -2.08 -8.72
O3 SO4 C . 10.80 -0.96 -10.81
O4 SO4 C . 9.51 -2.78 -10.08
C1 F5M D . 10.71 -6.43 -11.88
O1 F5M D . 10.01 -7.16 -11.00
C2 F5M D . 11.65 -6.83 -12.64
O2 F5M D . 13.47 -7.30 -14.23
C3 F5M D . 12.54 -6.56 -13.55
O3 F5M D . 17.44 -7.36 -16.71
C4 F5M D . 14.26 -6.67 -15.19
O4 F5M D . 13.00 -3.35 -18.50
C5 F5M D . 15.19 -7.48 -15.85
O5 F5M D . 11.01 -3.55 -17.44
C6 F5M D . 16.07 -6.95 -16.91
C7 F5M D . 15.94 -5.50 -17.14
C8 F5M D . 15.01 -4.72 -16.46
C9 F5M D . 14.16 -5.29 -15.49
C10 F5M D . 13.15 -4.41 -14.80
C11 F5M D . 12.35 -5.10 -13.77
C12 F5M D . 11.39 -4.72 -13.00
C13 F5M D . 10.50 -4.97 -12.13
C14 F5M D . 13.08 -2.93 -15.08
C15 F5M D . 13.49 -2.11 -14.06
C16 F5M D . 13.54 -0.72 -14.20
C17 F5M D . 13.16 -0.06 -15.37
C18 F5M D . 12.72 -0.86 -16.46
C19 F5M D . 12.68 -2.27 -16.36
C20 F5M D . 12.21 -3.11 -17.51
NAB F5M D . 13.23 1.33 -15.33
CAZ F5M D . 13.06 2.19 -16.31
CBA F5M D . 13.07 3.63 -15.84
CBB F5M D . 13.71 3.52 -14.46
CBC F5M D . 13.65 2.01 -14.28
OBJ F5M D . 13.90 1.47 -13.20
OBK F5M D . 13.12 1.87 -17.53
S SO4 E . -7.91 -9.16 10.62
O1 SO4 E . -7.57 -8.25 9.56
O2 SO4 E . -8.56 -10.28 9.93
O3 SO4 E . -8.81 -8.65 11.66
O4 SO4 E . -6.67 -9.68 11.22
#